data_6SER
#
_entry.id   6SER
#
_cell.length_a   68.336
_cell.length_b   101.199
_cell.length_c   125.750
_cell.angle_alpha   90.000
_cell.angle_beta   90.000
_cell.angle_gamma   90.000
#
_symmetry.space_group_name_H-M   'I 2 2 2'
#
loop_
_entity.id
_entity.type
_entity.pdbx_description
1 polymer 'START domain-containing protein 10'
2 non-polymer 'PHOSPHATE ION'
3 non-polymer DI(HYDROXYETHYL)ETHER
4 non-polymer 'TRIETHYLENE GLYCOL'
5 water water
#
_entity_poly.entity_id   1
_entity_poly.type   'polypeptide(L)'
_entity_poly.pdbx_seq_one_letter_code
;MEKLAASTEPQGPRPVLGRESVQVPDDQDFRSFRSECEAEVGWNLTYSRAGVSVWVQAVEMDRTLHKIKCRMECCDVPAE
TLYDVLHDIEYRKKWDSNVIETFDIARLTVNADVGYYSWRCPKPLKNRDVITLRSWLPMGADYIIMNYSVKHPKYPPRKD
LVRAVSIQTGYLIQSTGPKSCVITYLAQVDPKGSLPKWVVNKSSQFLAPKAMKKMYKACLKYPEWKQKHLPHFKPWLHPE
QSPLPSLALSELSVQHADSLENIDESAVAESREERMGGAGGEGSDDDTSLT
;
_entity_poly.pdbx_strand_id   A
#
# COMPACT_ATOMS: atom_id res chain seq x y z
N PRO A 15 4.46 4.32 16.73
CA PRO A 15 3.89 4.23 15.40
C PRO A 15 2.46 3.71 15.44
N VAL A 16 1.67 4.06 14.43
CA VAL A 16 0.25 3.59 14.32
C VAL A 16 0.30 2.09 14.46
N LEU A 17 1.10 1.48 13.58
CA LEU A 17 1.40 0.08 13.83
C LEU A 17 1.81 0.23 15.30
N GLY A 18 1.24 -0.55 16.21
CA GLY A 18 1.50 -0.15 17.60
C GLY A 18 2.03 -1.21 18.53
N ARG A 19 2.60 -0.78 19.63
CA ARG A 19 3.01 -1.85 20.57
C ARG A 19 1.81 -2.10 21.49
N GLU A 20 0.82 -1.21 21.52
CA GLU A 20 -0.27 -1.49 22.51
C GLU A 20 -1.61 -1.94 21.89
N SER A 21 -2.13 -1.27 20.87
CA SER A 21 -3.41 -1.74 20.30
C SER A 21 -3.67 -1.15 18.92
N VAL A 22 -4.67 -1.68 18.26
CA VAL A 22 -5.02 -1.23 16.96
C VAL A 22 -5.70 0.11 16.99
N GLN A 23 -5.30 1.00 16.10
CA GLN A 23 -5.89 2.33 16.05
C GLN A 23 -6.30 2.66 14.62
N VAL A 24 -7.45 3.30 14.46
CA VAL A 24 -7.72 3.90 13.15
C VAL A 24 -6.89 5.17 13.01
N PRO A 25 -6.21 5.38 11.89
CA PRO A 25 -5.27 6.50 11.77
C PRO A 25 -5.96 7.83 12.06
N ASP A 26 -5.35 8.62 12.93
CA ASP A 26 -5.91 9.93 13.23
C ASP A 26 -5.26 10.97 12.31
N ASP A 27 -5.58 12.23 12.56
CA ASP A 27 -5.15 13.30 11.68
C ASP A 27 -3.63 13.45 11.68
N GLN A 28 -3.00 13.22 12.83
CA GLN A 28 -1.55 13.34 12.91
C GLN A 28 -0.86 12.22 12.14
N ASP A 29 -1.46 11.02 12.08
CA ASP A 29 -0.84 9.91 11.37
C ASP A 29 -0.75 10.20 9.87
N PHE A 30 -1.76 10.86 9.35
CA PHE A 30 -1.78 11.25 7.92
C PHE A 30 -0.71 12.31 7.70
N ARG A 31 -0.55 13.22 8.64
CA ARG A 31 0.45 14.30 8.54
C ARG A 31 1.85 13.72 8.59
N SER A 32 2.10 12.82 9.51
CA SER A 32 3.43 12.22 9.66
C SER A 32 3.76 11.49 8.38
N PHE A 33 2.81 10.73 7.85
CA PHE A 33 3.02 9.99 6.60
C PHE A 33 3.34 10.94 5.47
N ARG A 34 2.59 11.98 5.26
CA ARG A 34 2.93 12.90 4.17
C ARG A 34 4.29 13.53 4.40
N SER A 35 4.54 13.99 5.64
CA SER A 35 5.83 14.56 5.95
C SER A 35 6.94 13.55 5.69
N GLU A 36 6.68 12.27 5.96
CA GLU A 36 7.67 11.24 5.68
C GLU A 36 7.97 11.15 4.19
N CYS A 37 6.94 11.22 3.35
CA CYS A 37 7.13 11.17 1.90
C CYS A 37 7.92 12.37 1.40
N GLU A 38 7.59 13.58 1.88
CA GLU A 38 8.24 14.79 1.41
C GLU A 38 9.65 14.97 2.00
N ALA A 39 9.97 14.26 3.07
CA ALA A 39 11.27 14.42 3.70
C ALA A 39 12.37 13.83 2.83
N GLU A 40 13.51 14.52 2.78
CA GLU A 40 14.68 13.99 2.09
C GLU A 40 15.83 13.68 3.02
N VAL A 41 16.04 14.47 4.06
CA VAL A 41 17.06 14.14 5.04
C VAL A 41 16.75 12.78 5.63
N GLY A 42 17.79 11.96 5.78
CA GLY A 42 17.63 10.60 6.23
C GLY A 42 17.26 9.63 5.13
N TRP A 43 17.20 10.08 3.89
CA TRP A 43 16.99 9.22 2.73
C TRP A 43 18.15 9.38 1.76
N ASN A 44 18.63 8.26 1.24
CA ASN A 44 19.67 8.26 0.22
C ASN A 44 19.05 7.85 -1.10
N LEU A 45 19.37 8.58 -2.16
CA LEU A 45 18.93 8.22 -3.49
C LEU A 45 19.68 6.97 -3.95
N THR A 46 18.95 6.07 -4.59
CA THR A 46 19.44 4.77 -5.03
C THR A 46 19.22 4.53 -6.51
N TYR A 47 18.25 5.20 -7.12
CA TYR A 47 17.90 5.05 -8.51
C TYR A 47 17.19 6.32 -8.95
N SER A 48 17.32 6.65 -10.23
CA SER A 48 16.69 7.85 -10.79
C SER A 48 16.80 7.86 -12.31
N ARG A 49 15.74 7.41 -12.99
CA ARG A 49 15.74 7.32 -14.44
C ARG A 49 14.30 7.44 -14.92
N ALA A 50 14.07 8.37 -15.85
CA ALA A 50 12.78 8.51 -16.52
C ALA A 50 11.67 8.80 -15.53
N GLY A 51 11.90 9.80 -14.67
CA GLY A 51 10.90 10.25 -13.72
C GLY A 51 10.65 9.36 -12.52
N VAL A 52 11.29 8.20 -12.43
CA VAL A 52 11.15 7.30 -11.29
C VAL A 52 12.43 7.35 -10.46
N SER A 53 12.29 7.61 -9.16
CA SER A 53 13.42 7.57 -8.24
C SER A 53 13.09 6.70 -7.03
N VAL A 54 14.14 6.08 -6.48
CA VAL A 54 14.04 5.21 -5.32
C VAL A 54 15.00 5.72 -4.24
N TRP A 55 14.50 5.88 -3.03
CA TRP A 55 15.30 6.22 -1.86
C TRP A 55 15.23 5.10 -0.83
N VAL A 56 16.23 5.04 0.01
CA VAL A 56 16.31 4.06 1.05
C VAL A 56 16.63 4.81 2.31
N GLN A 57 16.08 4.43 3.44
CA GLN A 57 16.34 5.16 4.69
C GLN A 57 17.81 5.06 5.07
N ALA A 58 18.38 6.25 5.14
CA ALA A 58 19.81 6.51 5.34
C ALA A 58 20.14 6.09 6.73
N VAL A 59 20.43 4.81 6.82
CA VAL A 59 20.91 4.10 8.03
C VAL A 59 21.86 3.02 7.49
N GLU A 60 21.61 2.54 6.26
CA GLU A 60 22.32 1.48 5.48
C GLU A 60 23.07 0.48 6.38
N MET A 61 22.32 -0.12 7.30
CA MET A 61 22.70 -1.14 8.28
C MET A 61 21.97 -2.33 7.71
N ASP A 62 22.68 -3.24 7.05
CA ASP A 62 21.89 -4.22 6.29
C ASP A 62 21.33 -5.31 7.18
N ARG A 63 21.56 -5.24 8.49
CA ARG A 63 20.93 -6.25 9.30
C ARG A 63 19.40 -6.11 9.44
N THR A 64 18.90 -4.90 9.48
CA THR A 64 17.49 -4.62 9.71
C THR A 64 16.73 -4.38 8.40
N LEU A 65 15.42 -4.32 8.53
CA LEU A 65 14.56 -4.07 7.38
C LEU A 65 14.47 -2.58 7.12
N HIS A 66 14.82 -2.16 5.91
CA HIS A 66 14.85 -0.75 5.58
C HIS A 66 13.53 -0.29 5.01
N LYS A 67 13.13 0.93 5.38
CA LYS A 67 12.03 1.59 4.71
C LYS A 67 12.46 2.02 3.32
N ILE A 68 11.56 1.84 2.36
CA ILE A 68 11.80 2.13 0.95
C ILE A 68 10.83 3.23 0.52
N LYS A 69 11.30 4.12 -0.34
CA LYS A 69 10.48 5.21 -0.88
C LYS A 69 10.66 5.26 -2.38
N CYS A 70 9.57 5.34 -3.12
CA CYS A 70 9.66 5.40 -4.58
C CYS A 70 8.69 6.46 -5.10
N ARG A 71 9.24 7.39 -5.87
CA ARG A 71 8.51 8.55 -6.37
C ARG A 71 8.43 8.47 -7.90
N MET A 72 7.26 8.75 -8.46
CA MET A 72 7.07 8.64 -9.90
C MET A 72 6.22 9.79 -10.42
N GLU A 73 6.75 10.51 -11.40
CA GLU A 73 6.06 11.63 -12.02
C GLU A 73 5.16 11.09 -13.13
N CYS A 74 3.88 11.41 -13.06
CA CYS A 74 2.89 10.97 -14.04
C CYS A 74 2.44 12.20 -14.81
N CYS A 75 2.98 12.37 -16.02
CA CYS A 75 2.72 13.60 -16.75
C CYS A 75 1.34 13.64 -17.37
N ASP A 76 0.72 12.48 -17.64
CA ASP A 76 -0.52 12.43 -18.40
C ASP A 76 -1.61 11.60 -17.73
N VAL A 77 -1.53 11.39 -16.42
CA VAL A 77 -2.68 10.81 -15.71
C VAL A 77 -3.02 11.71 -14.53
N PRO A 78 -4.29 12.06 -14.33
CA PRO A 78 -4.65 12.93 -13.20
C PRO A 78 -4.63 12.17 -11.89
N ALA A 79 -4.53 12.95 -10.80
CA ALA A 79 -4.47 12.38 -9.46
C ALA A 79 -5.67 11.51 -9.14
N GLU A 80 -6.86 11.93 -9.59
CA GLU A 80 -8.08 11.17 -9.29
C GLU A 80 -8.06 9.80 -9.94
N THR A 81 -7.45 9.69 -11.12
CA THR A 81 -7.37 8.38 -11.77
C THR A 81 -6.40 7.47 -11.02
N LEU A 82 -5.23 7.98 -10.65
CA LEU A 82 -4.33 7.20 -9.83
C LEU A 82 -4.99 6.80 -8.51
N TYR A 83 -5.83 7.68 -7.95
CA TYR A 83 -6.53 7.37 -6.70
C TYR A 83 -7.50 6.21 -6.89
N ASP A 84 -8.31 6.25 -7.97
CA ASP A 84 -9.22 5.14 -8.26
C ASP A 84 -8.48 3.82 -8.38
N VAL A 85 -7.33 3.83 -9.04
CA VAL A 85 -6.59 2.60 -9.31
C VAL A 85 -6.05 2.00 -8.01
N LEU A 86 -5.53 2.85 -7.13
CA LEU A 86 -5.08 2.35 -5.83
C LEU A 86 -6.25 1.80 -5.02
N HIS A 87 -7.45 2.37 -5.15
CA HIS A 87 -8.58 1.93 -4.36
C HIS A 87 -9.26 0.69 -4.92
N ASP A 88 -9.19 0.47 -6.24
CA ASP A 88 -10.05 -0.51 -6.93
C ASP A 88 -9.51 -1.92 -6.71
N ILE A 89 -9.98 -2.57 -5.65
CA ILE A 89 -9.58 -3.95 -5.36
C ILE A 89 -9.82 -4.86 -6.54
N GLU A 90 -10.98 -4.72 -7.20
CA GLU A 90 -11.32 -5.60 -8.31
C GLU A 90 -10.32 -5.49 -9.45
N TYR A 91 -9.95 -4.26 -9.81
CA TYR A 91 -8.99 -4.00 -10.88
C TYR A 91 -7.59 -4.57 -10.59
N ARG A 92 -7.22 -4.75 -9.31
CA ARG A 92 -5.89 -5.25 -8.99
C ARG A 92 -5.57 -6.53 -9.74
N LYS A 93 -6.52 -7.45 -9.81
CA LYS A 93 -6.25 -8.71 -10.50
C LYS A 93 -6.10 -8.53 -12.00
N LYS A 94 -6.52 -7.40 -12.56
CA LYS A 94 -6.35 -7.18 -13.99
C LYS A 94 -4.89 -6.87 -14.33
N TRP A 95 -4.22 -6.02 -13.53
CA TRP A 95 -2.87 -5.56 -13.85
C TRP A 95 -1.77 -6.03 -12.91
N ASP A 96 -2.10 -6.59 -11.74
CA ASP A 96 -1.10 -7.04 -10.77
C ASP A 96 -0.83 -8.51 -11.05
N SER A 97 0.35 -8.81 -11.60
CA SER A 97 0.66 -10.17 -12.01
C SER A 97 1.02 -11.08 -10.84
N ASN A 98 1.20 -10.55 -9.64
CA ASN A 98 1.54 -11.37 -8.49
C ASN A 98 0.37 -11.74 -7.59
N VAL A 99 -0.72 -10.96 -7.59
CA VAL A 99 -1.78 -11.15 -6.61
C VAL A 99 -2.48 -12.49 -6.83
N ILE A 100 -2.76 -13.19 -5.72
CA ILE A 100 -3.53 -14.43 -5.77
C ILE A 100 -4.98 -14.07 -5.48
N GLU A 101 -5.20 -13.49 -4.31
CA GLU A 101 -6.50 -13.17 -3.77
C GLU A 101 -6.39 -11.80 -3.11
N THR A 102 -7.39 -10.94 -3.32
CA THR A 102 -7.43 -9.69 -2.57
C THR A 102 -8.87 -9.22 -2.45
N PHE A 103 -9.27 -8.82 -1.25
CA PHE A 103 -10.64 -8.38 -1.00
C PHE A 103 -10.69 -7.69 0.34
N ASP A 104 -11.65 -6.78 0.50
CA ASP A 104 -11.87 -6.18 1.80
C ASP A 104 -12.67 -7.12 2.67
N ILE A 105 -12.46 -7.01 3.97
CA ILE A 105 -13.09 -7.90 4.95
C ILE A 105 -14.22 -7.19 5.68
N ALA A 106 -13.96 -5.97 6.14
CA ALA A 106 -14.95 -5.25 6.92
C ALA A 106 -14.56 -3.78 6.94
N ARG A 107 -15.52 -2.96 7.31
CA ARG A 107 -15.33 -1.53 7.40
C ARG A 107 -15.26 -1.13 8.87
N LEU A 108 -14.38 -0.17 9.17
CA LEU A 108 -14.30 0.39 10.52
C LEU A 108 -15.02 1.73 10.61
N THR A 109 -14.56 2.70 9.84
CA THR A 109 -15.14 4.02 9.72
C THR A 109 -15.46 4.28 8.25
N VAL A 110 -15.96 5.48 7.97
CA VAL A 110 -16.32 5.82 6.60
C VAL A 110 -15.10 5.82 5.69
N ASN A 111 -13.89 6.06 6.22
CA ASN A 111 -12.67 6.04 5.42
C ASN A 111 -11.60 5.12 6.03
N ALA A 112 -12.01 4.01 6.66
CA ALA A 112 -11.03 3.04 7.15
C ALA A 112 -11.65 1.65 7.10
N ASP A 113 -10.90 0.68 6.57
CA ASP A 113 -11.40 -0.69 6.52
C ASP A 113 -10.27 -1.67 6.77
N VAL A 114 -10.62 -2.95 6.72
CA VAL A 114 -9.70 -4.06 6.91
C VAL A 114 -9.80 -4.97 5.69
N GLY A 115 -8.65 -5.41 5.18
CA GLY A 115 -8.63 -6.17 3.94
C GLY A 115 -7.52 -7.19 3.92
N TYR A 116 -7.55 -8.00 2.84
CA TYR A 116 -6.73 -9.18 2.68
C TYR A 116 -6.05 -9.13 1.33
N TYR A 117 -4.80 -9.58 1.29
CA TYR A 117 -4.04 -9.59 0.03
C TYR A 117 -3.02 -10.73 0.05
N SER A 118 -3.06 -11.57 -0.99
CA SER A 118 -2.15 -12.70 -1.20
C SER A 118 -1.34 -12.49 -2.48
N TRP A 119 -0.09 -12.94 -2.47
CA TRP A 119 0.69 -12.87 -3.70
C TRP A 119 1.68 -14.02 -3.77
N ARG A 120 2.09 -14.34 -4.99
CA ARG A 120 2.96 -15.48 -5.18
C ARG A 120 4.42 -15.05 -5.20
N CYS A 121 5.24 -15.93 -4.70
CA CYS A 121 6.70 -15.72 -4.67
C CYS A 121 7.35 -16.86 -5.45
N PRO A 122 8.53 -16.65 -6.02
CA PRO A 122 9.22 -17.70 -6.76
C PRO A 122 9.43 -18.96 -5.92
N LYS A 123 9.10 -20.07 -6.55
CA LYS A 123 8.98 -21.49 -6.11
C LYS A 123 9.84 -22.09 -5.01
N PRO A 124 11.05 -21.68 -4.60
CA PRO A 124 11.52 -22.23 -3.35
C PRO A 124 10.70 -21.50 -2.28
N LEU A 125 10.45 -20.22 -2.47
CA LEU A 125 9.71 -19.45 -1.46
C LEU A 125 8.23 -19.79 -1.48
N LYS A 126 7.60 -19.61 -0.36
CA LYS A 126 6.15 -19.83 -0.39
C LYS A 126 5.40 -18.52 -0.71
N ASN A 127 4.13 -18.63 -1.03
CA ASN A 127 3.31 -17.44 -1.29
C ASN A 127 3.03 -16.74 0.03
N ARG A 128 2.74 -15.46 -0.03
CA ARG A 128 2.58 -14.61 1.15
C ARG A 128 1.20 -13.97 1.21
N ASP A 129 0.77 -13.60 2.38
CA ASP A 129 -0.51 -12.91 2.61
C ASP A 129 -0.37 -11.90 3.72
N VAL A 130 -1.21 -10.91 3.69
CA VAL A 130 -1.28 -9.84 4.69
C VAL A 130 -2.72 -9.50 5.01
N ILE A 131 -2.92 -9.16 6.26
CA ILE A 131 -4.17 -8.56 6.73
C ILE A 131 -3.80 -7.17 7.19
N THR A 132 -4.44 -6.14 6.62
CA THR A 132 -4.05 -4.77 6.89
C THR A 132 -5.27 -3.91 7.23
N LEU A 133 -5.04 -2.92 8.10
CA LEU A 133 -5.99 -1.84 8.29
C LEU A 133 -5.59 -0.70 7.35
N ARG A 134 -6.50 -0.32 6.47
CA ARG A 134 -6.25 0.70 5.45
C ARG A 134 -7.10 1.91 5.77
N SER A 135 -6.53 3.11 5.58
CA SER A 135 -7.31 4.34 5.71
C SER A 135 -6.87 5.36 4.69
N TRP A 136 -7.81 6.19 4.25
CA TRP A 136 -7.59 7.09 3.13
C TRP A 136 -8.15 8.47 3.44
N LEU A 137 -7.52 9.50 2.85
CA LEU A 137 -7.90 10.88 3.10
C LEU A 137 -7.56 11.78 1.92
N PRO A 138 -8.52 12.38 1.25
CA PRO A 138 -8.22 13.39 0.25
C PRO A 138 -7.84 14.66 1.00
N MET A 139 -6.70 15.26 0.72
CA MET A 139 -6.30 16.50 1.43
C MET A 139 -6.24 17.58 0.37
N GLY A 140 -7.36 18.23 0.12
CA GLY A 140 -7.40 19.31 -0.87
C GLY A 140 -7.30 18.72 -2.24
N ALA A 141 -6.19 18.98 -2.89
CA ALA A 141 -5.92 18.41 -4.20
C ALA A 141 -5.19 17.08 -4.14
N ASP A 142 -4.66 16.71 -2.98
CA ASP A 142 -3.85 15.51 -2.82
C ASP A 142 -4.64 14.40 -2.14
N TYR A 143 -4.08 13.19 -2.20
CA TYR A 143 -4.66 12.02 -1.58
C TYR A 143 -3.59 11.26 -0.81
N ILE A 144 -4.00 10.69 0.33
CA ILE A 144 -3.17 9.75 1.06
C ILE A 144 -3.97 8.48 1.32
N ILE A 145 -3.35 7.33 1.06
CA ILE A 145 -3.86 6.03 1.48
C ILE A 145 -2.74 5.34 2.23
N MET A 146 -2.99 4.96 3.48
CA MET A 146 -2.03 4.23 4.31
C MET A 146 -2.61 2.91 4.78
N ASN A 147 -1.72 2.00 5.15
CA ASN A 147 -2.13 0.74 5.77
C ASN A 147 -1.01 0.22 6.64
N TYR A 148 -1.36 -0.70 7.54
CA TYR A 148 -0.40 -1.46 8.35
C TYR A 148 -1.09 -2.74 8.78
N SER A 149 -0.29 -3.77 9.09
CA SER A 149 -0.85 -5.09 9.31
C SER A 149 -1.60 -5.14 10.64
N VAL A 150 -2.56 -6.06 10.71
CA VAL A 150 -3.41 -6.21 11.87
C VAL A 150 -3.83 -7.66 11.94
N LYS A 151 -4.40 -8.08 13.07
CA LYS A 151 -4.87 -9.44 13.24
C LYS A 151 -6.39 -9.45 13.31
N HIS A 152 -7.00 -10.30 12.49
CA HIS A 152 -8.44 -10.47 12.48
C HIS A 152 -8.76 -11.91 12.87
N PRO A 153 -9.56 -12.14 13.93
CA PRO A 153 -9.68 -13.50 14.48
C PRO A 153 -10.13 -14.54 13.48
N LYS A 154 -10.84 -14.16 12.43
CA LYS A 154 -11.26 -15.13 11.43
C LYS A 154 -10.24 -15.31 10.31
N TYR A 155 -9.09 -14.63 10.37
CA TYR A 155 -8.06 -14.76 9.34
C TYR A 155 -6.73 -15.09 10.00
N PRO A 156 -6.61 -16.26 10.61
CA PRO A 156 -5.32 -16.67 11.17
C PRO A 156 -4.36 -17.06 10.06
N PRO A 157 -3.07 -17.19 10.36
CA PRO A 157 -2.13 -17.65 9.32
C PRO A 157 -2.56 -18.97 8.72
N ARG A 158 -2.23 -19.15 7.44
CA ARG A 158 -2.48 -20.39 6.74
C ARG A 158 -1.18 -21.16 6.57
N LYS A 159 -1.24 -22.47 6.77
CA LYS A 159 -0.01 -23.26 6.76
C LYS A 159 0.69 -23.18 5.41
N ASP A 160 -0.05 -22.98 4.32
CA ASP A 160 0.53 -22.94 2.99
C ASP A 160 1.11 -21.57 2.61
N LEU A 161 0.84 -20.53 3.39
CA LEU A 161 1.27 -19.17 3.07
C LEU A 161 2.02 -18.58 4.24
N VAL A 162 3.01 -17.77 3.93
CA VAL A 162 3.74 -17.07 4.99
C VAL A 162 2.96 -15.80 5.28
N ARG A 163 2.63 -15.56 6.52
CA ARG A 163 1.95 -14.31 6.88
C ARG A 163 2.99 -13.21 7.03
N ALA A 164 3.00 -12.29 6.12
CA ALA A 164 3.90 -11.14 6.15
C ALA A 164 3.29 -10.05 7.03
N VAL A 165 4.11 -9.09 7.32
CA VAL A 165 3.71 -7.96 8.17
C VAL A 165 4.04 -6.66 7.47
N SER A 166 3.02 -5.89 7.24
CA SER A 166 3.18 -4.54 6.71
C SER A 166 3.34 -3.59 7.89
N ILE A 167 4.57 -3.17 8.15
CA ILE A 167 4.85 -2.26 9.29
C ILE A 167 4.20 -0.91 8.98
N GLN A 168 4.33 -0.46 7.76
CA GLN A 168 3.70 0.77 7.26
C GLN A 168 3.85 0.76 5.76
N THR A 169 2.78 0.93 5.02
CA THR A 169 2.78 1.05 3.57
C THR A 169 1.75 2.10 3.18
N GLY A 170 2.01 2.91 2.17
CA GLY A 170 1.06 3.95 1.80
C GLY A 170 1.48 4.72 0.58
N TYR A 171 0.62 5.61 0.17
CA TYR A 171 0.80 6.37 -1.06
C TYR A 171 0.41 7.81 -0.80
N LEU A 172 1.23 8.73 -1.31
CA LEU A 172 0.91 10.14 -1.37
C LEU A 172 0.75 10.50 -2.84
N ILE A 173 -0.43 10.96 -3.21
CA ILE A 173 -0.68 11.42 -4.57
C ILE A 173 -0.77 12.95 -4.50
N GLN A 174 0.10 13.61 -5.24
CA GLN A 174 0.11 15.07 -5.30
C GLN A 174 -0.30 15.47 -6.70
N SER A 175 -1.41 16.20 -6.81
CA SER A 175 -1.82 16.71 -8.11
C SER A 175 -0.89 17.83 -8.56
N THR A 176 -0.45 17.78 -9.81
CA THR A 176 0.39 18.80 -10.39
C THR A 176 -0.35 19.54 -11.50
N GLY A 177 -1.65 19.71 -11.33
CA GLY A 177 -2.50 20.29 -12.35
C GLY A 177 -3.45 19.25 -12.92
N PRO A 178 -4.34 19.67 -13.82
CA PRO A 178 -5.21 18.70 -14.48
C PRO A 178 -4.38 17.80 -15.38
N LYS A 179 -4.80 16.54 -15.48
CA LYS A 179 -4.16 15.48 -16.25
C LYS A 179 -2.75 15.12 -15.80
N SER A 180 -2.30 15.53 -14.62
CA SER A 180 -0.96 15.12 -14.18
C SER A 180 -0.89 15.06 -12.66
N CYS A 181 0.05 14.25 -12.15
CA CYS A 181 0.24 14.11 -10.72
C CYS A 181 1.62 13.53 -10.44
N VAL A 182 1.99 13.53 -9.17
CA VAL A 182 3.17 12.84 -8.66
C VAL A 182 2.73 11.91 -7.54
N ILE A 183 3.17 10.65 -7.58
CA ILE A 183 2.83 9.69 -6.54
C ILE A 183 4.10 9.21 -5.87
N THR A 184 4.09 9.21 -4.53
CA THR A 184 5.19 8.69 -3.74
C THR A 184 4.69 7.47 -2.97
N TYR A 185 5.36 6.34 -3.18
CA TYR A 185 5.08 5.11 -2.46
C TYR A 185 6.11 4.94 -1.36
N LEU A 186 5.64 4.68 -0.15
CA LEU A 186 6.52 4.48 1.00
C LEU A 186 6.09 3.19 1.69
N ALA A 187 7.03 2.26 1.86
CA ALA A 187 6.69 0.98 2.47
C ALA A 187 7.82 0.43 3.32
N GLN A 188 7.42 -0.34 4.32
CA GLN A 188 8.31 -1.17 5.12
C GLN A 188 7.55 -2.45 5.42
N VAL A 189 7.90 -3.48 4.70
CA VAL A 189 7.28 -4.76 4.80
C VAL A 189 8.22 -5.89 5.10
N ASP A 190 7.90 -6.65 6.14
CA ASP A 190 8.65 -7.80 6.55
C ASP A 190 7.95 -9.03 6.01
N PRO A 191 8.58 -9.73 5.04
CA PRO A 191 8.01 -10.95 4.44
C PRO A 191 8.23 -12.16 5.36
N LYS A 192 8.93 -11.95 6.48
CA LYS A 192 9.22 -13.04 7.45
C LYS A 192 9.81 -14.25 6.71
N GLY A 193 9.26 -15.45 6.95
CA GLY A 193 9.75 -16.68 6.29
C GLY A 193 11.23 -16.88 6.51
N SER A 194 11.95 -17.26 5.45
CA SER A 194 13.38 -17.49 5.52
C SER A 194 14.28 -16.52 4.81
N LEU A 195 13.75 -15.46 4.28
CA LEU A 195 14.53 -14.49 3.54
C LEU A 195 15.37 -13.64 4.49
N PRO A 196 16.68 -13.51 4.25
CA PRO A 196 17.45 -12.52 5.01
C PRO A 196 16.92 -11.11 4.73
N LYS A 197 16.89 -10.29 5.78
CA LYS A 197 16.36 -8.93 5.66
C LYS A 197 17.08 -8.14 4.56
N TRP A 198 18.41 -8.27 4.47
CA TRP A 198 19.15 -7.52 3.46
C TRP A 198 18.82 -8.00 2.05
N VAL A 199 18.46 -9.26 1.90
CA VAL A 199 17.96 -9.72 0.60
C VAL A 199 16.65 -9.04 0.27
N VAL A 200 15.80 -8.82 1.27
CA VAL A 200 14.53 -8.12 1.07
C VAL A 200 14.78 -6.66 0.69
N ASN A 201 15.64 -5.98 1.44
CA ASN A 201 16.01 -4.60 1.13
C ASN A 201 16.47 -4.46 -0.31
N LYS A 202 17.35 -5.37 -0.77
CA LYS A 202 17.90 -5.26 -2.12
C LYS A 202 16.83 -5.53 -3.16
N SER A 203 16.07 -6.61 -2.96
CA SER A 203 15.05 -7.01 -3.92
C SER A 203 13.98 -5.93 -4.09
N SER A 204 13.41 -5.46 -2.98
CA SER A 204 12.36 -4.46 -3.08
C SER A 204 12.87 -3.16 -3.70
N GLN A 205 14.15 -2.84 -3.49
CA GLN A 205 14.76 -1.71 -4.18
C GLN A 205 14.86 -1.94 -5.67
N PHE A 206 15.27 -3.15 -6.05
CA PHE A 206 15.54 -3.44 -7.46
C PHE A 206 14.28 -3.51 -8.29
N LEU A 207 13.18 -3.98 -7.71
CA LEU A 207 11.95 -4.18 -8.45
C LEU A 207 11.00 -2.99 -8.34
N ALA A 208 11.27 -2.07 -7.42
CA ALA A 208 10.36 -0.96 -7.18
C ALA A 208 10.07 -0.13 -8.43
N PRO A 209 11.06 0.33 -9.20
CA PRO A 209 10.71 1.12 -10.40
C PRO A 209 9.87 0.35 -11.38
N LYS A 210 10.06 -0.97 -11.49
CA LYS A 210 9.26 -1.75 -12.43
C LYS A 210 7.82 -1.85 -11.97
N ALA A 211 7.62 -2.03 -10.67
CA ALA A 211 6.26 -2.14 -10.13
C ALA A 211 5.50 -0.82 -10.29
N MET A 212 6.20 0.31 -10.13
CA MET A 212 5.54 1.60 -10.25
C MET A 212 5.12 1.87 -11.70
N LYS A 213 5.96 1.48 -12.66
CA LYS A 213 5.62 1.72 -14.05
C LYS A 213 4.50 0.80 -14.51
N LYS A 214 4.43 -0.42 -13.97
CA LYS A 214 3.27 -1.26 -14.23
C LYS A 214 1.99 -0.60 -13.73
N MET A 215 2.02 -0.02 -12.53
CA MET A 215 0.88 0.73 -12.03
C MET A 215 0.57 1.91 -12.94
N TYR A 216 1.60 2.60 -13.44
CA TYR A 216 1.34 3.74 -14.31
C TYR A 216 0.63 3.31 -15.58
N LYS A 217 1.08 2.22 -16.20
CA LYS A 217 0.39 1.72 -17.39
C LYS A 217 -1.05 1.33 -17.06
N ALA A 218 -1.29 0.81 -15.86
CA ALA A 218 -2.65 0.45 -15.47
C ALA A 218 -3.55 1.68 -15.45
N CYS A 219 -3.02 2.82 -14.99
CA CYS A 219 -3.81 4.04 -14.97
C CYS A 219 -4.23 4.48 -16.38
N LEU A 220 -3.42 4.19 -17.39
CA LEU A 220 -3.78 4.55 -18.76
C LEU A 220 -4.93 3.69 -19.27
N LYS A 221 -4.94 2.41 -18.90
CA LYS A 221 -6.00 1.51 -19.33
C LYS A 221 -7.22 1.56 -18.43
N TYR A 222 -7.15 2.29 -17.30
CA TYR A 222 -8.23 2.19 -16.31
C TYR A 222 -9.55 2.78 -16.80
N PRO A 223 -9.61 4.01 -17.33
CA PRO A 223 -10.93 4.56 -17.74
C PRO A 223 -11.72 3.64 -18.66
N GLU A 224 -11.06 3.05 -19.66
CA GLU A 224 -11.75 2.15 -20.57
C GLU A 224 -12.17 0.86 -19.86
N TRP A 225 -11.30 0.30 -19.02
CA TRP A 225 -11.66 -0.90 -18.29
C TRP A 225 -12.82 -0.63 -17.33
N LYS A 226 -12.74 0.48 -16.60
CA LYS A 226 -13.77 0.76 -15.58
C LYS A 226 -15.11 1.07 -16.23
N GLN A 227 -15.10 1.62 -17.45
CA GLN A 227 -16.33 1.82 -18.20
C GLN A 227 -17.04 0.50 -18.50
N LYS A 228 -16.30 -0.59 -18.64
CA LYS A 228 -16.89 -1.90 -18.85
C LYS A 228 -17.23 -2.64 -17.56
N HIS A 229 -16.97 -2.06 -16.39
CA HIS A 229 -17.10 -2.77 -15.11
C HIS A 229 -17.77 -1.88 -14.07
N LEU A 230 -19.03 -1.52 -14.32
CA LEU A 230 -19.84 -0.68 -13.45
C LEU A 230 -19.11 0.64 -13.20
N PRO A 231 -19.02 1.52 -14.20
CA PRO A 231 -18.31 2.79 -14.01
C PRO A 231 -18.79 3.63 -12.86
N HIS A 232 -20.08 3.53 -12.49
CA HIS A 232 -20.65 4.35 -11.41
C HIS A 232 -20.32 3.80 -10.03
N PHE A 233 -19.87 2.54 -9.95
CA PHE A 233 -19.64 1.88 -8.66
C PHE A 233 -18.22 2.16 -8.19
N LYS A 234 -18.07 3.16 -7.32
CA LYS A 234 -16.79 3.54 -6.75
C LYS A 234 -17.05 3.84 -5.28
N PRO A 235 -17.18 2.82 -4.45
CA PRO A 235 -17.48 3.04 -3.03
C PRO A 235 -16.41 3.83 -2.28
N TRP A 236 -15.17 3.90 -2.78
CA TRP A 236 -14.16 4.73 -2.13
C TRP A 236 -14.48 6.22 -2.26
N LEU A 237 -15.24 6.59 -3.30
CA LEU A 237 -15.73 7.96 -3.44
C LEU A 237 -17.12 8.14 -2.84
N HIS A 238 -17.93 7.09 -2.80
CA HIS A 238 -19.32 7.17 -2.32
C HIS A 238 -19.51 6.08 -1.27
N PRO A 239 -19.28 6.40 0.00
CA PRO A 239 -19.26 5.33 1.02
C PRO A 239 -20.61 4.70 1.26
N GLU A 240 -21.71 5.33 0.82
CA GLU A 240 -23.01 4.68 0.90
C GLU A 240 -23.14 3.51 -0.07
N GLN A 241 -22.17 3.30 -0.96
CA GLN A 241 -22.18 2.15 -1.84
C GLN A 241 -21.45 0.94 -1.27
N SER A 242 -20.83 1.06 -0.10
CA SER A 242 -20.00 -0.04 0.42
C SER A 242 -20.84 -1.26 0.81
N PRO A 243 -20.52 -2.45 0.29
CA PRO A 243 -21.29 -3.64 0.65
C PRO A 243 -20.71 -4.39 1.84
N LEU A 244 -19.86 -3.71 2.61
CA LEU A 244 -19.07 -4.41 3.61
C LEU A 244 -19.74 -4.39 4.99
N PRO A 245 -19.61 -5.46 5.77
CA PRO A 245 -20.02 -5.41 7.17
C PRO A 245 -19.09 -4.50 7.96
N SER A 246 -19.53 -4.14 9.16
CA SER A 246 -18.78 -3.25 10.03
C SER A 246 -18.13 -4.02 11.16
N LEU A 247 -17.06 -3.44 11.71
CA LEU A 247 -16.25 -4.04 12.77
C LEU A 247 -16.00 -3.02 13.87
N ALA A 248 -15.95 -3.49 15.11
CA ALA A 248 -15.42 -2.69 16.20
C ALA A 248 -13.91 -2.80 16.23
N LEU A 249 -13.25 -1.70 16.60
CA LEU A 249 -11.80 -1.66 16.67
C LEU A 249 -11.26 -2.73 17.63
N SER A 250 -11.99 -3.04 18.70
CA SER A 250 -11.48 -3.98 19.68
C SER A 250 -11.60 -5.44 19.23
N GLU A 251 -12.27 -5.71 18.11
CA GLU A 251 -12.25 -7.05 17.55
C GLU A 251 -10.95 -7.36 16.83
N LEU A 252 -10.09 -6.37 16.61
CA LEU A 252 -8.81 -6.57 15.95
C LEU A 252 -7.69 -6.65 17.00
N SER A 253 -6.60 -7.30 16.61
CA SER A 253 -5.42 -7.40 17.46
C SER A 253 -4.20 -6.86 16.72
N VAL A 254 -3.23 -6.40 17.51
CA VAL A 254 -1.98 -5.89 16.98
C VAL A 254 -1.19 -6.99 16.30
N GLN A 255 -0.58 -6.67 15.16
CA GLN A 255 0.37 -7.56 14.50
C GLN A 255 1.78 -7.03 14.71
N HIS A 256 2.56 -7.71 15.54
CA HIS A 256 3.94 -7.33 15.79
C HIS A 256 4.85 -7.76 14.65
N ALA A 257 5.81 -6.90 14.33
CA ALA A 257 6.81 -7.25 13.30
C ALA A 257 7.67 -8.40 13.78
N ASP A 258 7.99 -8.43 15.07
CA ASP A 258 8.79 -9.48 15.68
C ASP A 258 8.19 -9.78 17.05
N SER A 259 7.91 -11.04 17.31
CA SER A 259 7.22 -11.43 18.54
C SER A 259 8.07 -12.39 19.36
#